data_2G30
#
_entry.id   2G30
#
_cell.length_a   37.750
_cell.length_b   36.313
_cell.length_c   98.982
_cell.angle_alpha   90.00
_cell.angle_beta   92.91
_cell.angle_gamma   90.00
#
_symmetry.space_group_name_H-M   'P 1 21 1'
#
loop_
_entity.id
_entity.type
_entity.pdbx_description
1 polymer 'AP-2 complex subunit beta-1'
2 polymer '16-mer peptide from Low density lipoprotein receptor adapter protein 1'
3 polymer 'peptide sequence AAF'
4 water water
#
loop_
_entity_poly.entity_id
_entity_poly.type
_entity_poly.pdbx_seq_one_letter_code
_entity_poly.pdbx_strand_id
1 'polypeptide(L)'
;MGSSHHHHHHSSGLVPRGSHMGMAPGGYVAPKAVWLPAVKAKGLEISGTFTHRQGHIYMEMNFTNKALQHMTDFAIQFNK
NSFGVIPSTPLAIHTPLMPNQSIDVSLPLNTLGPVMKMEPLNNLQVAVKNNIDVFYFSCLIPLNVLFVEDGKMERQVFLA
TWKDIPNENELQFQIKECHLNADTVSSKLQNNNVYTIAKRNVEGQDMLYQSLKLTNGIWILAELRIQPGNPNYTLSLKCR
APEVSQYIYQVYDSILKN
;
A
2 'polypeptide(L)' DDGLDEAFSRLAQSRT P
3 'polypeptide(L)' AAF S
#
# COMPACT_ATOMS: atom_id res chain seq x y z
N GLY A 26 -8.55 -2.71 11.89
CA GLY A 26 -7.70 -3.22 10.76
C GLY A 26 -7.13 -2.12 9.90
N GLY A 27 -6.32 -2.52 8.92
CA GLY A 27 -5.76 -1.60 7.95
C GLY A 27 -6.77 -1.09 6.92
N TYR A 28 -6.37 -0.03 6.21
CA TYR A 28 -7.21 0.60 5.23
C TYR A 28 -7.39 -0.32 4.04
N VAL A 29 -8.62 -0.44 3.55
CA VAL A 29 -8.95 -1.26 2.38
C VAL A 29 -9.78 -0.36 1.49
N ALA A 30 -9.32 -0.13 0.27
CA ALA A 30 -10.09 0.70 -0.67
C ALA A 30 -11.37 -0.07 -1.08
N PRO A 31 -12.46 0.65 -1.33
CA PRO A 31 -13.66 0.03 -1.91
C PRO A 31 -13.30 -0.69 -3.21
N LYS A 32 -13.99 -1.79 -3.50
CA LYS A 32 -13.75 -2.51 -4.75
C LYS A 32 -13.99 -1.59 -5.96
N ALA A 33 -13.11 -1.68 -6.96
CA ALA A 33 -13.23 -0.91 -8.20
C ALA A 33 -13.36 -1.89 -9.35
N VAL A 34 -13.99 -1.49 -10.46
CA VAL A 34 -14.10 -2.38 -11.61
C VAL A 34 -12.75 -2.42 -12.28
N TRP A 35 -12.15 -3.60 -12.35
CA TRP A 35 -10.89 -3.82 -13.04
C TRP A 35 -11.08 -4.34 -14.46
N LEU A 36 -12.14 -5.13 -14.67
CA LEU A 36 -12.48 -5.68 -15.97
C LEU A 36 -13.99 -5.52 -16.17
N PRO A 37 -14.41 -4.58 -16.99
CA PRO A 37 -15.86 -4.38 -17.19
C PRO A 37 -16.41 -5.44 -18.12
N ALA A 38 -17.66 -5.85 -17.88
CA ALA A 38 -18.29 -6.84 -18.73
C ALA A 38 -18.33 -6.48 -20.21
N VAL A 39 -18.39 -5.19 -20.53
CA VAL A 39 -18.35 -4.78 -21.94
C VAL A 39 -17.06 -5.11 -22.65
N LYS A 40 -15.97 -5.20 -21.90
CA LYS A 40 -14.69 -5.56 -22.48
C LYS A 40 -14.40 -7.06 -22.43
N ALA A 41 -15.23 -7.85 -21.74
CA ALA A 41 -14.86 -9.25 -21.46
C ALA A 41 -16.03 -10.23 -21.67
N LYS A 42 -16.77 -9.99 -22.73
CA LYS A 42 -17.82 -10.93 -23.13
C LYS A 42 -18.74 -11.32 -21.98
N GLY A 43 -19.04 -10.36 -21.12
CA GLY A 43 -20.01 -10.54 -20.07
C GLY A 43 -19.46 -10.76 -18.68
N LEU A 44 -18.16 -10.99 -18.56
CA LEU A 44 -17.50 -11.20 -17.29
C LEU A 44 -17.09 -9.81 -16.73
N GLU A 45 -17.57 -9.52 -15.54
CA GLU A 45 -17.14 -8.34 -14.79
C GLU A 45 -16.32 -8.77 -13.55
N ILE A 46 -15.14 -8.19 -13.39
CA ILE A 46 -14.38 -8.34 -12.17
C ILE A 46 -14.16 -7.00 -11.48
N SER A 47 -14.59 -6.94 -10.24
CA SER A 47 -14.31 -5.82 -9.33
C SER A 47 -13.31 -6.32 -8.29
N GLY A 48 -12.40 -5.47 -7.82
CA GLY A 48 -11.45 -5.94 -6.83
C GLY A 48 -10.83 -4.91 -5.92
N THR A 49 -10.17 -5.45 -4.91
CA THR A 49 -9.37 -4.66 -3.96
C THR A 49 -8.27 -5.55 -3.40
N PHE A 50 -7.40 -4.94 -2.60
CA PHE A 50 -6.33 -5.67 -1.94
C PHE A 50 -6.43 -5.49 -0.42
N THR A 51 -6.21 -6.58 0.31
CA THR A 51 -6.20 -6.53 1.76
C THR A 51 -4.91 -7.12 2.26
N HIS A 52 -4.65 -6.84 3.52
CA HIS A 52 -3.46 -7.32 4.10
C HIS A 52 -3.77 -7.40 5.60
N ARG A 53 -4.04 -8.60 6.05
CA ARG A 53 -4.31 -8.87 7.45
C ARG A 53 -3.21 -9.77 7.99
N GLN A 54 -2.54 -9.32 9.05
CA GLN A 54 -1.49 -10.10 9.67
C GLN A 54 -0.45 -10.62 8.69
N GLY A 55 -0.03 -9.75 7.77
CA GLY A 55 1.01 -10.12 6.83
C GLY A 55 0.57 -10.90 5.60
N HIS A 56 -0.64 -11.47 5.62
CA HIS A 56 -1.17 -12.17 4.46
C HIS A 56 -1.84 -11.19 3.51
N ILE A 57 -1.32 -11.13 2.31
CA ILE A 57 -1.85 -10.25 1.29
C ILE A 57 -2.88 -11.02 0.46
N TYR A 58 -4.02 -10.40 0.18
CA TYR A 58 -5.04 -10.99 -0.67
C TYR A 58 -5.50 -10.02 -1.72
N MET A 59 -5.77 -10.55 -2.92
CA MET A 59 -6.58 -9.89 -3.94
C MET A 59 -8.00 -10.39 -3.75
N GLU A 60 -8.88 -9.50 -3.32
CA GLU A 60 -10.27 -9.84 -3.04
C GLU A 60 -11.12 -9.34 -4.19
N MET A 61 -11.77 -10.27 -4.88
CA MET A 61 -12.50 -9.95 -6.09
C MET A 61 -13.95 -10.42 -6.02
N ASN A 62 -14.77 -9.81 -6.87
CA ASN A 62 -16.11 -10.25 -7.14
C ASN A 62 -16.17 -10.51 -8.66
N PHE A 63 -16.54 -11.73 -9.06
CA PHE A 63 -16.73 -12.04 -10.48
C PHE A 63 -18.23 -12.10 -10.70
N THR A 64 -18.72 -11.43 -11.74
CA THR A 64 -20.14 -11.43 -12.10
C THR A 64 -20.27 -11.86 -13.55
N ASN A 65 -21.19 -12.80 -13.82
CA ASN A 65 -21.53 -13.21 -15.17
C ASN A 65 -22.81 -12.48 -15.65
N LYS A 66 -22.65 -11.46 -16.49
CA LYS A 66 -23.77 -10.71 -17.09
C LYS A 66 -24.28 -11.34 -18.39
N ALA A 67 -23.59 -12.36 -18.87
CA ALA A 67 -23.88 -12.96 -20.18
C ALA A 67 -25.06 -13.96 -20.14
N LEU A 68 -25.24 -14.69 -21.23
CA LEU A 68 -26.33 -15.67 -21.36
C LEU A 68 -25.85 -17.11 -21.32
N GLN A 69 -24.54 -17.30 -21.20
CA GLN A 69 -23.96 -18.62 -21.14
C GLN A 69 -23.23 -18.77 -19.81
N HIS A 70 -23.10 -19.99 -19.33
CA HIS A 70 -22.28 -20.19 -18.14
C HIS A 70 -20.78 -20.03 -18.41
N MET A 71 -20.03 -19.81 -17.34
CA MET A 71 -18.59 -19.61 -17.41
C MET A 71 -17.89 -20.62 -16.49
N THR A 72 -16.87 -21.28 -17.03
CA THR A 72 -16.09 -22.26 -16.28
C THR A 72 -14.59 -22.13 -16.61
N ASP A 73 -13.78 -22.99 -16.00
CA ASP A 73 -12.35 -23.13 -16.36
C ASP A 73 -11.60 -21.81 -16.13
N PHE A 74 -11.87 -21.21 -14.99
CA PHE A 74 -11.22 -19.95 -14.60
C PHE A 74 -9.78 -20.18 -14.16
N ALA A 75 -8.86 -19.34 -14.67
CA ALA A 75 -7.51 -19.24 -14.14
C ALA A 75 -7.02 -17.80 -14.26
N ILE A 76 -5.98 -17.49 -13.51
CA ILE A 76 -5.39 -16.14 -13.49
C ILE A 76 -3.86 -16.21 -13.52
N GLN A 77 -3.22 -15.21 -14.14
CA GLN A 77 -1.76 -15.10 -14.20
C GLN A 77 -1.41 -13.64 -14.02
N PHE A 78 -0.39 -13.34 -13.23
CA PHE A 78 0.22 -12.01 -13.17
C PHE A 78 1.51 -11.95 -13.99
N ASN A 79 1.67 -10.85 -14.70
CA ASN A 79 2.96 -10.51 -15.29
C ASN A 79 3.95 -10.17 -14.16
N LYS A 80 5.24 -10.32 -14.45
CA LYS A 80 6.27 -9.84 -13.55
C LYS A 80 5.97 -8.38 -13.20
N ASN A 81 6.36 -8.01 -11.99
CA ASN A 81 6.04 -6.68 -11.52
C ASN A 81 7.07 -6.17 -10.50
N SER A 82 6.97 -4.93 -10.11
CA SER A 82 8.08 -4.30 -9.40
C SER A 82 8.40 -4.93 -8.06
N PHE A 83 7.37 -5.45 -7.36
CA PHE A 83 7.55 -6.06 -6.04
C PHE A 83 7.41 -7.57 -6.02
N GLY A 84 7.45 -8.20 -7.20
CA GLY A 84 7.37 -9.64 -7.32
C GLY A 84 6.11 -10.29 -6.80
N VAL A 85 4.98 -9.59 -6.90
CA VAL A 85 3.72 -10.13 -6.44
C VAL A 85 3.27 -11.24 -7.39
N ILE A 86 2.76 -12.31 -6.80
CA ILE A 86 2.28 -13.46 -7.54
C ILE A 86 1.21 -14.20 -6.71
N PRO A 87 0.25 -14.84 -7.34
CA PRO A 87 -0.67 -15.66 -6.55
C PRO A 87 0.02 -16.87 -5.92
N SER A 88 -0.43 -17.16 -4.71
CA SER A 88 0.04 -18.31 -3.92
C SER A 88 -0.64 -19.61 -4.30
N THR A 89 -1.86 -19.51 -4.83
CA THR A 89 -2.63 -20.70 -5.21
C THR A 89 -3.35 -20.43 -6.54
N PRO A 90 -3.76 -21.49 -7.24
CA PRO A 90 -4.71 -21.33 -8.35
C PRO A 90 -6.02 -20.73 -7.92
N LEU A 91 -6.77 -20.19 -8.87
CA LEU A 91 -8.05 -19.58 -8.57
C LEU A 91 -9.06 -20.60 -7.98
N ALA A 92 -9.82 -20.16 -6.97
CA ALA A 92 -10.74 -21.06 -6.25
C ALA A 92 -12.17 -21.04 -6.84
N ILE A 93 -12.43 -21.87 -7.86
CA ILE A 93 -13.76 -21.92 -8.52
C ILE A 93 -14.18 -23.32 -9.04
N HIS A 94 -14.97 -24.01 -8.21
CA HIS A 94 -15.38 -25.39 -8.45
C HIS A 94 -16.39 -25.55 -9.56
N THR A 95 -17.48 -24.79 -9.46
CA THR A 95 -18.67 -25.00 -10.27
C THR A 95 -18.85 -23.84 -11.26
N PRO A 96 -19.66 -24.05 -12.30
CA PRO A 96 -19.93 -22.97 -13.27
C PRO A 96 -20.60 -21.74 -12.68
N LEU A 97 -20.12 -20.57 -13.13
CA LEU A 97 -20.70 -19.29 -12.76
C LEU A 97 -21.80 -19.07 -13.79
N MET A 98 -23.03 -19.09 -13.32
CA MET A 98 -24.19 -19.07 -14.22
C MET A 98 -24.60 -17.65 -14.59
N PRO A 99 -25.42 -17.48 -15.61
CA PRO A 99 -25.93 -16.15 -15.94
C PRO A 99 -26.57 -15.43 -14.74
N ASN A 100 -26.18 -14.16 -14.58
CA ASN A 100 -26.61 -13.31 -13.49
C ASN A 100 -26.13 -13.71 -12.08
N GLN A 101 -25.14 -14.58 -11.99
CA GLN A 101 -24.60 -14.98 -10.68
C GLN A 101 -23.35 -14.16 -10.43
N SER A 102 -23.06 -13.94 -9.15
CA SER A 102 -21.90 -13.18 -8.70
C SER A 102 -21.24 -14.01 -7.60
N ILE A 103 -19.91 -14.15 -7.62
CA ILE A 103 -19.20 -14.87 -6.54
C ILE A 103 -18.06 -14.02 -6.01
N ASP A 104 -17.72 -14.23 -4.73
CA ASP A 104 -16.61 -13.53 -4.10
C ASP A 104 -15.42 -14.49 -4.17
N VAL A 105 -14.26 -13.99 -4.57
CA VAL A 105 -13.06 -14.80 -4.75
C VAL A 105 -11.94 -14.14 -3.93
N SER A 106 -11.31 -14.91 -3.06
CA SER A 106 -10.22 -14.43 -2.22
C SER A 106 -8.94 -15.12 -2.65
N LEU A 107 -8.03 -14.39 -3.30
CA LEU A 107 -6.82 -14.94 -3.86
C LEU A 107 -5.60 -14.54 -3.03
N PRO A 108 -4.97 -15.50 -2.36
CA PRO A 108 -3.79 -15.19 -1.56
C PRO A 108 -2.62 -14.93 -2.49
N LEU A 109 -1.80 -13.94 -2.13
CA LEU A 109 -0.62 -13.52 -2.88
C LEU A 109 0.60 -13.61 -2.00
N ASN A 110 1.76 -13.70 -2.64
CA ASN A 110 3.03 -13.51 -1.96
C ASN A 110 3.93 -12.63 -2.80
N THR A 111 5.11 -12.28 -2.24
CA THR A 111 6.07 -11.43 -2.94
C THR A 111 7.36 -12.14 -3.31
N LEU A 112 7.26 -13.43 -3.62
CA LEU A 112 8.44 -14.24 -3.98
C LEU A 112 8.58 -14.49 -5.49
N GLY A 113 7.80 -13.77 -6.28
CA GLY A 113 7.73 -14.00 -7.70
C GLY A 113 8.73 -13.19 -8.47
N PRO A 114 8.73 -13.40 -9.79
CA PRO A 114 9.63 -12.66 -10.70
C PRO A 114 9.44 -11.14 -10.69
N VAL A 115 10.55 -10.42 -10.80
CA VAL A 115 10.55 -8.96 -10.68
C VAL A 115 10.83 -8.29 -12.03
N MET A 116 10.05 -7.28 -12.34
CA MET A 116 10.32 -6.37 -13.44
C MET A 116 9.79 -5.00 -13.05
N LYS A 117 10.61 -3.97 -13.20
CA LYS A 117 10.13 -2.62 -12.88
C LYS A 117 9.00 -2.21 -13.81
N MET A 118 7.93 -1.70 -13.22
CA MET A 118 6.72 -1.25 -13.92
C MET A 118 6.54 0.26 -13.81
N GLU A 119 5.76 0.82 -14.75
CA GLU A 119 5.35 2.21 -14.68
C GLU A 119 3.84 2.28 -14.86
N PRO A 120 3.10 2.86 -13.93
CA PRO A 120 3.62 3.33 -12.64
C PRO A 120 4.20 2.18 -11.86
N LEU A 121 4.94 2.51 -10.80
CA LEU A 121 5.70 1.53 -10.06
C LEU A 121 4.80 0.42 -9.51
N ASN A 122 3.57 0.76 -9.16
CA ASN A 122 2.66 -0.20 -8.56
C ASN A 122 1.65 -0.81 -9.53
N ASN A 123 1.96 -0.76 -10.81
CA ASN A 123 1.08 -1.35 -11.82
C ASN A 123 1.21 -2.84 -11.86
N LEU A 124 0.08 -3.53 -11.94
CA LEU A 124 0.07 -4.98 -12.05
C LEU A 124 -0.69 -5.37 -13.33
N GLN A 125 -0.03 -6.07 -14.25
CA GLN A 125 -0.70 -6.63 -15.42
C GLN A 125 -1.20 -8.04 -15.14
N VAL A 126 -2.46 -8.31 -15.49
CA VAL A 126 -3.16 -9.53 -15.16
C VAL A 126 -3.83 -10.15 -16.37
N ALA A 127 -3.83 -11.48 -16.46
CA ALA A 127 -4.65 -12.16 -17.47
C ALA A 127 -5.58 -13.12 -16.75
N VAL A 128 -6.87 -13.02 -17.02
CA VAL A 128 -7.85 -13.96 -16.49
C VAL A 128 -8.50 -14.67 -17.66
N LYS A 129 -8.61 -15.98 -17.57
CA LYS A 129 -9.33 -16.70 -18.61
C LYS A 129 -10.45 -17.52 -18.02
N ASN A 130 -11.42 -17.83 -18.88
CA ASN A 130 -12.50 -18.78 -18.62
C ASN A 130 -12.58 -19.66 -19.87
N ASN A 131 -13.71 -20.31 -20.06
CA ASN A 131 -13.90 -21.21 -21.20
C ASN A 131 -14.19 -20.46 -22.47
N ILE A 132 -14.52 -19.17 -22.36
CA ILE A 132 -14.88 -18.36 -23.52
C ILE A 132 -13.67 -17.68 -24.14
N ASP A 133 -12.83 -17.04 -23.32
CA ASP A 133 -11.65 -16.34 -23.83
C ASP A 133 -10.66 -16.02 -22.70
N VAL A 134 -9.55 -15.38 -23.08
CA VAL A 134 -8.64 -14.76 -22.14
C VAL A 134 -8.77 -13.23 -22.22
N PHE A 135 -8.62 -12.60 -21.07
CA PHE A 135 -8.87 -11.18 -20.91
C PHE A 135 -7.74 -10.56 -20.10
N TYR A 136 -7.14 -9.53 -20.66
CA TYR A 136 -6.00 -8.86 -20.03
C TYR A 136 -6.43 -7.51 -19.48
N PHE A 137 -5.93 -7.16 -18.30
CA PHE A 137 -6.23 -5.87 -17.66
C PHE A 137 -5.13 -5.50 -16.71
N SER A 138 -5.18 -4.28 -16.23
CA SER A 138 -4.17 -3.84 -15.28
C SER A 138 -4.89 -3.24 -14.08
N CYS A 139 -4.22 -3.26 -12.93
CA CYS A 139 -4.72 -2.54 -11.76
C CYS A 139 -3.53 -2.08 -10.95
N LEU A 140 -3.79 -1.21 -10.00
CA LEU A 140 -2.73 -0.65 -9.17
C LEU A 140 -2.74 -1.25 -7.77
N ILE A 141 -1.60 -1.77 -7.33
CA ILE A 141 -1.49 -2.31 -5.97
C ILE A 141 -1.23 -1.14 -5.02
N PRO A 142 -2.10 -0.91 -4.04
CA PRO A 142 -1.81 0.16 -3.07
C PRO A 142 -0.60 -0.26 -2.26
N LEU A 143 0.33 0.66 -2.04
CA LEU A 143 1.57 0.26 -1.43
C LEU A 143 1.40 -0.21 -0.01
N ASN A 144 0.35 0.23 0.70
CA ASN A 144 0.21 -0.19 2.07
C ASN A 144 0.03 -1.66 2.28
N VAL A 145 -0.48 -2.38 1.28
CA VAL A 145 -0.59 -3.82 1.48
C VAL A 145 0.81 -4.48 1.42
N LEU A 146 1.83 -3.71 1.03
CA LEU A 146 3.21 -4.22 0.98
C LEU A 146 4.06 -3.73 2.17
N PHE A 147 3.43 -3.10 3.14
CA PHE A 147 4.08 -2.69 4.41
C PHE A 147 4.12 -3.91 5.35
N VAL A 148 5.29 -4.33 5.75
CA VAL A 148 5.42 -5.51 6.62
C VAL A 148 5.20 -5.21 8.09
N GLU A 149 4.88 -6.25 8.83
CA GLU A 149 4.59 -6.10 10.23
C GLU A 149 5.83 -5.67 10.99
N ASP A 150 7.01 -6.16 10.59
CA ASP A 150 8.26 -5.82 11.28
C ASP A 150 8.96 -4.60 10.67
N GLY A 151 8.30 -3.47 10.83
CA GLY A 151 8.68 -2.22 10.23
C GLY A 151 8.89 -1.13 11.27
N LYS A 152 9.09 -1.52 12.53
CA LYS A 152 9.40 -0.55 13.58
C LYS A 152 10.93 -0.45 13.76
N MET A 153 11.51 0.63 13.27
CA MET A 153 12.96 0.83 13.42
C MET A 153 13.34 1.14 14.87
N GLU A 154 14.43 0.52 15.35
CA GLU A 154 15.05 0.91 16.61
C GLU A 154 15.40 2.39 16.56
N ARG A 155 15.31 3.06 17.70
CA ARG A 155 15.47 4.50 17.77
C ARG A 155 16.87 4.95 17.38
N GLN A 156 17.88 4.30 17.94
CA GLN A 156 19.27 4.65 17.64
C GLN A 156 19.54 4.53 16.13
N VAL A 157 19.02 3.45 15.54
CA VAL A 157 19.16 3.17 14.12
C VAL A 157 18.44 4.23 13.28
N PHE A 158 17.25 4.65 13.72
CA PHE A 158 16.53 5.75 13.06
C PHE A 158 17.35 7.04 12.99
N LEU A 159 17.96 7.41 14.09
CA LEU A 159 18.70 8.66 14.15
C LEU A 159 19.90 8.58 13.21
N ALA A 160 20.56 7.45 13.22
CA ALA A 160 21.73 7.23 12.40
C ALA A 160 21.34 7.18 10.91
N THR A 161 20.19 6.55 10.61
CA THR A 161 19.74 6.41 9.23
C THR A 161 19.25 7.74 8.68
N TRP A 162 18.52 8.53 9.48
CA TRP A 162 18.06 9.83 9.04
C TRP A 162 19.22 10.77 8.70
N LYS A 163 20.30 10.71 9.49
CA LYS A 163 21.52 11.46 9.26
C LYS A 163 22.23 10.93 8.00
N ASP A 164 22.35 9.61 7.91
CA ASP A 164 23.10 8.93 6.86
C ASP A 164 22.47 9.04 5.46
N ILE A 165 21.16 8.90 5.36
CA ILE A 165 20.50 9.07 4.07
C ILE A 165 20.73 10.50 3.63
N PRO A 166 21.24 10.70 2.40
CA PRO A 166 21.51 12.04 1.87
C PRO A 166 20.31 12.97 1.95
N ASN A 167 20.55 14.23 2.31
CA ASN A 167 19.45 15.21 2.39
C ASN A 167 18.79 15.46 1.06
N GLU A 168 19.47 15.14 -0.04
CA GLU A 168 18.91 15.30 -1.39
C GLU A 168 17.85 14.23 -1.69
N ASN A 169 17.79 13.19 -0.87
CA ASN A 169 16.77 12.16 -1.00
C ASN A 169 15.46 12.55 -0.33
N GLU A 170 15.50 13.55 0.54
CA GLU A 170 14.31 13.99 1.27
C GLU A 170 13.30 14.62 0.33
N LEU A 171 12.06 14.16 0.43
CA LEU A 171 10.96 14.71 -0.34
C LEU A 171 9.83 15.09 0.62
N GLN A 172 9.17 16.23 0.38
CA GLN A 172 8.13 16.77 1.26
C GLN A 172 6.80 16.88 0.56
N PHE A 173 5.73 16.68 1.31
CA PHE A 173 4.39 16.59 0.77
C PHE A 173 3.45 17.26 1.73
N GLN A 174 2.40 17.84 1.19
CA GLN A 174 1.35 18.42 2.00
C GLN A 174 0.21 17.46 2.08
N ILE A 175 -0.16 17.02 3.27
CA ILE A 175 -1.40 16.28 3.46
C ILE A 175 -2.47 17.32 3.79
N LYS A 176 -3.33 17.60 2.82
CA LYS A 176 -4.24 18.74 2.89
C LYS A 176 -5.53 18.41 3.61
N GLU A 177 -6.05 19.40 4.34
CA GLU A 177 -7.34 19.30 5.03
C GLU A 177 -7.44 18.00 5.83
N CYS A 178 -6.39 17.73 6.62
CA CYS A 178 -6.45 16.74 7.70
C CYS A 178 -6.34 17.53 9.00
N HIS A 179 -7.24 17.25 9.94
CA HIS A 179 -7.24 17.95 11.23
C HIS A 179 -7.38 16.98 12.41
N LEU A 180 -6.94 15.75 12.20
CA LEU A 180 -6.86 14.74 13.26
C LEU A 180 -5.70 15.09 14.16
N ASN A 181 -5.87 14.87 15.46
CA ASN A 181 -4.79 15.11 16.39
C ASN A 181 -3.71 14.03 16.25
N ALA A 182 -2.58 14.26 16.91
CA ALA A 182 -1.41 13.41 16.78
C ALA A 182 -1.68 11.98 17.20
N ASP A 183 -2.44 11.80 18.28
CA ASP A 183 -2.68 10.46 18.81
C ASP A 183 -3.51 9.63 17.83
N THR A 184 -4.47 10.27 17.18
CA THR A 184 -5.31 9.60 16.20
C THR A 184 -4.52 9.23 14.96
N VAL A 185 -3.74 10.18 14.48
CA VAL A 185 -2.84 9.93 13.35
C VAL A 185 -1.94 8.73 13.66
N SER A 186 -1.26 8.72 14.79
CA SER A 186 -0.36 7.61 15.13
C SER A 186 -1.07 6.27 15.16
N SER A 187 -2.29 6.25 15.73
CA SER A 187 -3.04 5.00 15.83
C SER A 187 -3.45 4.46 14.46
N LYS A 188 -3.97 5.32 13.59
CA LYS A 188 -4.43 4.91 12.26
C LYS A 188 -3.25 4.36 11.49
N LEU A 189 -2.16 5.11 11.57
CA LEU A 189 -0.94 4.67 10.88
C LEU A 189 -0.39 3.34 11.41
N GLN A 190 -0.38 3.16 12.73
CA GLN A 190 0.10 1.91 13.32
C GLN A 190 -0.75 0.72 12.87
N ASN A 191 -2.04 0.94 12.68
CA ASN A 191 -2.95 -0.11 12.19
C ASN A 191 -2.59 -0.53 10.78
N ASN A 192 -1.84 0.31 10.08
CA ASN A 192 -1.35 0.02 8.74
C ASN A 192 0.17 -0.27 8.67
N ASN A 193 0.77 -0.60 9.80
CA ASN A 193 2.17 -0.99 9.88
C ASN A 193 3.12 0.18 9.61
N VAL A 194 2.69 1.39 9.92
CA VAL A 194 3.57 2.56 9.92
C VAL A 194 3.73 2.98 11.37
N TYR A 195 4.93 2.84 11.92
CA TYR A 195 5.17 2.93 13.33
C TYR A 195 5.72 4.27 13.77
N THR A 196 5.20 4.79 14.85
CA THR A 196 5.72 6.04 15.41
C THR A 196 6.78 5.72 16.44
N ILE A 197 8.01 6.13 16.09
CA ILE A 197 9.26 5.88 16.83
C ILE A 197 9.47 6.90 17.94
N ALA A 198 9.03 8.14 17.68
CA ALA A 198 9.19 9.26 18.62
C ALA A 198 8.21 10.35 18.29
N LYS A 199 7.82 11.08 19.31
CA LYS A 199 6.94 12.24 19.15
C LYS A 199 7.53 13.36 20.00
N ARG A 200 7.79 14.49 19.39
CA ARG A 200 8.32 15.65 20.08
C ARG A 200 7.43 16.85 19.82
N ASN A 201 7.33 17.77 20.78
CA ASN A 201 6.63 19.03 20.55
C ASN A 201 7.65 20.14 20.64
N VAL A 202 7.76 20.90 19.55
CA VAL A 202 8.80 21.90 19.33
C VAL A 202 8.16 23.17 18.74
N GLU A 203 8.32 24.31 19.42
CA GLU A 203 7.73 25.57 18.97
C GLU A 203 6.22 25.42 18.75
N GLY A 204 5.59 24.61 19.60
CA GLY A 204 4.15 24.39 19.60
C GLY A 204 3.65 23.53 18.45
N GLN A 205 4.52 22.69 17.93
CA GLN A 205 4.16 21.81 16.81
C GLN A 205 4.54 20.41 17.15
N ASP A 206 3.68 19.44 16.82
CA ASP A 206 3.97 18.03 17.05
C ASP A 206 4.79 17.47 15.90
N MET A 207 5.87 16.78 16.23
CA MET A 207 6.76 16.19 15.23
C MET A 207 6.76 14.69 15.46
N LEU A 208 6.23 13.95 14.50
CA LEU A 208 6.14 12.51 14.65
C LEU A 208 7.16 11.87 13.75
N TYR A 209 8.03 11.05 14.31
CA TYR A 209 9.07 10.34 13.57
C TYR A 209 8.61 8.90 13.41
N GLN A 210 8.51 8.48 12.15
CA GLN A 210 7.89 7.21 11.79
C GLN A 210 8.75 6.31 10.88
N SER A 211 8.51 5.00 10.93
CA SER A 211 9.19 4.08 10.01
C SER A 211 8.21 3.08 9.45
N LEU A 212 8.54 2.56 8.30
CA LEU A 212 7.84 1.43 7.70
C LEU A 212 8.81 0.74 6.81
N LYS A 213 8.52 -0.52 6.48
CA LYS A 213 9.40 -1.33 5.66
C LYS A 213 8.55 -2.08 4.64
N LEU A 214 8.98 -2.10 3.38
CA LEU A 214 8.28 -2.82 2.31
C LEU A 214 8.68 -4.29 2.28
N THR A 215 7.91 -5.09 1.55
CA THR A 215 8.12 -6.51 1.45
C THR A 215 9.46 -6.81 0.78
N ASN A 216 9.98 -5.86 0.01
CA ASN A 216 11.28 -6.08 -0.65
C ASN A 216 12.48 -5.51 0.15
N GLY A 217 12.25 -5.13 1.38
CA GLY A 217 13.31 -4.74 2.29
C GLY A 217 13.59 -3.26 2.38
N ILE A 218 12.94 -2.45 1.55
CA ILE A 218 13.19 -1.02 1.54
C ILE A 218 12.55 -0.36 2.78
N TRP A 219 13.36 0.38 3.53
CA TRP A 219 12.85 1.24 4.62
C TRP A 219 12.52 2.64 4.14
N ILE A 220 11.43 3.18 4.69
CA ILE A 220 11.10 4.57 4.50
C ILE A 220 11.02 5.15 5.90
N LEU A 221 11.68 6.28 6.09
CA LEU A 221 11.59 7.06 7.30
C LEU A 221 10.81 8.34 7.05
N ALA A 222 10.02 8.76 8.03
CA ALA A 222 9.12 9.89 7.89
C ALA A 222 9.13 10.80 9.09
N GLU A 223 8.98 12.10 8.80
CA GLU A 223 8.66 13.07 9.82
C GLU A 223 7.32 13.69 9.43
N LEU A 224 6.34 13.63 10.34
CA LEU A 224 5.06 14.26 10.11
C LEU A 224 4.88 15.45 11.05
N ARG A 225 4.69 16.65 10.49
CA ARG A 225 4.57 17.88 11.26
C ARG A 225 3.11 18.33 11.33
N ILE A 226 2.62 18.51 12.57
CA ILE A 226 1.25 18.90 12.85
C ILE A 226 1.22 20.18 13.69
N GLN A 227 0.56 21.22 13.19
CA GLN A 227 0.43 22.49 13.91
C GLN A 227 -1.02 22.81 14.31
N PRO A 228 -1.19 23.57 15.38
CA PRO A 228 -2.32 24.52 15.43
C PRO A 228 -2.03 25.64 14.41
N GLY A 229 -3.05 26.13 13.71
CA GLY A 229 -2.86 27.13 12.66
C GLY A 229 -3.04 26.57 11.26
N ASN A 230 -2.18 25.63 10.86
CA ASN A 230 -2.21 25.09 9.50
C ASN A 230 -3.37 24.09 9.33
N PRO A 231 -3.96 24.02 8.13
CA PRO A 231 -4.92 22.96 7.79
C PRO A 231 -4.22 21.68 7.30
N ASN A 232 -3.00 21.87 6.85
CA ASN A 232 -2.26 20.83 6.17
C ASN A 232 -1.13 20.34 7.06
N TYR A 233 -0.95 19.02 7.10
CA TYR A 233 0.21 18.44 7.76
C TYR A 233 1.33 18.39 6.73
N THR A 234 2.57 18.56 7.17
CA THR A 234 3.74 18.38 6.33
C THR A 234 4.41 17.03 6.59
N LEU A 235 4.50 16.23 5.53
CA LEU A 235 5.11 14.90 5.56
C LEU A 235 6.45 14.98 4.86
N SER A 236 7.53 14.70 5.56
CA SER A 236 8.84 14.55 4.91
C SER A 236 9.26 13.11 4.93
N LEU A 237 9.72 12.63 3.78
CA LEU A 237 10.07 11.23 3.60
C LEU A 237 11.52 11.10 3.18
N LYS A 238 12.24 10.21 3.85
CA LYS A 238 13.60 9.83 3.45
C LYS A 238 13.70 8.35 3.15
N CYS A 239 14.24 8.06 1.98
CA CYS A 239 14.32 6.70 1.50
C CYS A 239 15.51 6.61 0.59
N ARG A 240 16.23 5.50 0.64
CA ARG A 240 17.39 5.32 -0.24
C ARG A 240 16.98 5.09 -1.69
N ALA A 241 15.73 4.66 -1.91
CA ALA A 241 15.11 4.67 -3.24
C ALA A 241 13.95 5.68 -3.27
N PRO A 242 14.26 6.95 -3.51
CA PRO A 242 13.27 8.03 -3.41
C PRO A 242 12.12 7.98 -4.39
N GLU A 243 12.26 7.22 -5.47
CA GLU A 243 11.17 6.94 -6.41
C GLU A 243 9.89 6.41 -5.75
N VAL A 244 10.04 5.67 -4.66
CA VAL A 244 8.88 5.10 -3.97
C VAL A 244 8.12 6.16 -3.15
N SER A 245 8.78 7.26 -2.80
CA SER A 245 8.20 8.25 -1.88
C SER A 245 6.82 8.79 -2.28
N GLN A 246 6.60 9.15 -3.56
CA GLN A 246 5.29 9.63 -3.96
C GLN A 246 4.18 8.59 -3.70
N TYR A 247 4.47 7.31 -3.85
CA TYR A 247 3.47 6.29 -3.65
C TYR A 247 3.16 6.14 -2.17
N ILE A 248 4.15 6.38 -1.30
CA ILE A 248 3.98 6.32 0.14
C ILE A 248 3.08 7.48 0.59
N TYR A 249 3.34 8.67 0.05
CA TYR A 249 2.51 9.83 0.25
C TYR A 249 1.07 9.51 -0.09
N GLN A 250 0.81 8.90 -1.25
CA GLN A 250 -0.55 8.62 -1.69
C GLN A 250 -1.31 7.79 -0.66
N VAL A 251 -0.62 6.81 -0.11
CA VAL A 251 -1.30 5.93 0.82
C VAL A 251 -1.37 6.57 2.22
N TYR A 252 -0.38 7.36 2.68
CA TYR A 252 -0.56 8.20 3.87
C TYR A 252 -1.83 9.02 3.81
N ASP A 253 -1.99 9.69 2.68
CA ASP A 253 -3.15 10.51 2.44
C ASP A 253 -4.42 9.70 2.50
N SER A 254 -4.45 8.52 1.87
CA SER A 254 -5.65 7.69 1.91
C SER A 254 -5.96 7.21 3.32
N ILE A 255 -4.94 6.75 4.06
CA ILE A 255 -5.17 6.27 5.42
C ILE A 255 -5.75 7.39 6.30
N LEU A 256 -5.18 8.59 6.22
CA LEU A 256 -5.58 9.66 7.15
C LEU A 256 -6.93 10.27 6.79
N LYS A 257 -7.31 10.21 5.52
CA LYS A 257 -8.60 10.71 5.04
C LYS A 257 -9.72 9.71 5.26
N ASN A 258 -9.39 8.45 5.53
CA ASN A 258 -10.37 7.37 5.64
C ASN A 258 -10.15 6.54 6.89
N ASP B 1 13.85 6.76 29.01
CA ASP B 1 14.18 5.30 29.03
C ASP B 1 15.49 4.98 28.30
N ASP B 2 15.51 5.08 26.96
CA ASP B 2 16.76 4.86 26.21
C ASP B 2 17.61 6.13 26.14
N GLY B 3 17.13 7.20 26.74
CA GLY B 3 17.85 8.45 26.85
C GLY B 3 17.80 9.32 25.61
N LEU B 4 17.17 8.84 24.55
CA LEU B 4 17.30 9.44 23.22
C LEU B 4 16.29 10.52 22.90
N ASP B 5 15.44 10.86 23.85
CA ASP B 5 14.42 11.88 23.65
C ASP B 5 15.06 13.24 23.31
N GLU B 6 16.12 13.57 24.02
CA GLU B 6 16.85 14.80 23.77
C GLU B 6 17.44 14.87 22.34
N ALA B 7 17.92 13.75 21.83
CA ALA B 7 18.43 13.69 20.46
C ALA B 7 17.29 13.88 19.47
N PHE B 8 16.14 13.28 19.72
CA PHE B 8 15.01 13.53 18.84
C PHE B 8 14.55 14.99 18.95
N SER B 9 14.62 15.59 20.13
CA SER B 9 14.19 17.00 20.23
C SER B 9 15.16 17.91 19.48
N ARG B 10 16.44 17.56 19.49
CA ARG B 10 17.43 18.35 18.76
C ARG B 10 17.23 18.22 17.27
N LEU B 11 16.83 17.03 16.81
CA LEU B 11 16.61 16.81 15.40
C LEU B 11 15.44 17.67 14.96
N ALA B 12 14.36 17.65 15.75
CA ALA B 12 13.17 18.43 15.45
C ALA B 12 13.50 19.93 15.43
N GLN B 13 14.25 20.38 16.44
CA GLN B 13 14.68 21.79 16.52
C GLN B 13 15.47 22.22 15.30
N SER B 14 16.36 21.36 14.83
CA SER B 14 17.24 21.67 13.70
C SER B 14 16.49 21.87 12.38
N ARG B 15 15.25 21.40 12.30
CA ARG B 15 14.48 21.46 11.07
C ARG B 15 13.33 22.47 11.08
N THR B 16 13.11 23.12 12.23
CA THR B 16 12.04 24.11 12.34
C THR B 16 12.52 25.48 11.85
N ALA C 1 -0.48 -19.59 -19.43
CA ALA C 1 0.92 -19.05 -19.70
C ALA C 1 0.95 -17.79 -20.60
N ALA C 2 0.68 -16.62 -19.99
CA ALA C 2 0.05 -15.46 -20.65
C ALA C 2 0.99 -14.31 -20.98
N PHE C 3 2.19 -14.32 -20.41
CA PHE C 3 3.16 -13.25 -20.59
C PHE C 3 4.54 -13.81 -20.88
#